data_4YPV
#
_entry.id   4YPV
#
_cell.length_a   85.496
_cell.length_b   85.496
_cell.length_c   98.665
_cell.angle_alpha   90.00
_cell.angle_beta   90.00
_cell.angle_gamma   120.00
#
_symmetry.space_group_name_H-M   'P 31 2 1'
#
loop_
_entity.id
_entity.type
_entity.pdbx_description
1 polymer Est8
2 water water
#
_entity_poly.entity_id   1
_entity_poly.type   'polypeptide(L)'
_entity_poly.pdbx_seq_one_letter_code
;MGSSHHHHHHSSGLVPRGSHMASMTGGQQMGRGSEFTMALDPQAKGLLDAMAANPAPRIIDLPVKEAREMYRGIAAQLDL
QDLPIGKTEDRKIPGPAGDIPVRIYTPVAAGGAALPVLVYFHGGGWVIGDLETHDALCRSFANEAGCKVVAVDYRLAPEH
RFPAAAEDCLAAVKWVETNASEIGVDANRIAVAGDSAGGNLAAVVSQLALAAKGPRIAFQLLIYPVTDTNVDTASYRENA
SGYFLERDGMIWFFDHYLNGADRTDPRVAPLRAASLAGLPRAYVITAGFDPLKDEGRAYAEALKAAGVPTEYVNYEGMIH
GFFNLQAAFDVSRDAVKAAAKALKEALA
;
_entity_poly.pdbx_strand_id   A
#
# COMPACT_ATOMS: atom_id res chain seq x y z
N PHE A 36 -0.24 30.33 -1.23
CA PHE A 36 0.29 28.97 -1.03
C PHE A 36 1.81 28.96 -0.96
N THR A 37 2.36 29.69 0.01
CA THR A 37 3.81 29.73 0.24
C THR A 37 4.33 28.31 0.35
N MET A 38 3.83 27.59 1.36
CA MET A 38 3.86 26.15 1.38
C MET A 38 2.47 25.67 1.78
N ALA A 39 1.88 24.82 0.95
CA ALA A 39 0.54 24.32 1.20
C ALA A 39 0.56 23.17 2.19
N LEU A 40 1.68 23.00 2.88
CA LEU A 40 1.84 21.90 3.84
C LEU A 40 0.83 22.04 4.98
N ASP A 41 0.12 20.95 5.26
CA ASP A 41 -0.82 20.91 6.37
C ASP A 41 -0.11 21.25 7.68
N PRO A 42 -0.69 22.15 8.48
CA PRO A 42 -0.02 22.56 9.72
C PRO A 42 0.15 21.40 10.71
N GLN A 43 -0.71 20.39 10.63
CA GLN A 43 -0.55 19.20 11.45
C GLN A 43 0.64 18.37 10.96
N ALA A 44 0.91 18.44 9.66
CA ALA A 44 2.07 17.78 9.09
C ALA A 44 3.35 18.54 9.45
N LYS A 45 3.29 19.86 9.42
CA LYS A 45 4.46 20.65 9.80
C LYS A 45 4.81 20.40 11.26
N GLY A 46 3.79 20.34 12.10
CA GLY A 46 3.98 20.04 13.50
C GLY A 46 4.68 18.70 13.69
N LEU A 47 4.22 17.69 12.98
CA LEU A 47 4.79 16.36 13.09
C LEU A 47 6.23 16.33 12.65
N LEU A 48 6.52 16.92 11.49
CA LEU A 48 7.86 16.91 10.92
C LEU A 48 8.86 17.68 11.79
N ASP A 49 8.43 18.81 12.34
CA ASP A 49 9.26 19.59 13.23
C ASP A 49 9.63 18.78 14.46
N ALA A 50 8.63 18.11 15.03
CA ALA A 50 8.84 17.26 16.19
C ALA A 50 9.81 16.13 15.87
N MET A 51 9.69 15.55 14.67
CA MET A 51 10.58 14.47 14.27
C MET A 51 12.00 14.99 14.02
N ALA A 52 12.10 16.25 13.63
CA ALA A 52 13.39 16.87 13.40
C ALA A 52 14.15 17.07 14.70
N ALA A 53 13.41 17.29 15.79
CA ALA A 53 14.01 17.56 17.09
C ALA A 53 14.49 16.29 17.77
N ASN A 54 14.23 15.13 17.16
CA ASN A 54 14.61 13.87 17.76
C ASN A 54 16.03 13.47 17.37
N PRO A 55 16.86 13.13 18.35
CA PRO A 55 18.28 12.83 18.11
C PRO A 55 18.54 11.38 17.70
N ALA A 56 17.54 10.51 17.85
CA ALA A 56 17.68 9.11 17.47
C ALA A 56 18.00 8.97 15.98
N PRO A 57 18.76 7.94 15.61
CA PRO A 57 19.14 7.72 14.22
C PRO A 57 17.94 7.60 13.30
N ARG A 58 18.07 8.09 12.07
CA ARG A 58 17.08 7.86 11.04
C ARG A 58 16.88 6.36 10.83
N ILE A 59 15.66 5.96 10.45
CA ILE A 59 15.35 4.58 10.11
C ILE A 59 16.37 4.01 9.12
N ILE A 60 16.83 4.85 8.19
CA ILE A 60 17.65 4.37 7.08
C ILE A 60 19.14 4.38 7.41
N ASP A 61 19.48 4.75 8.63
CA ASP A 61 20.87 4.67 9.06
C ASP A 61 21.09 3.38 9.85
N LEU A 62 20.03 2.60 9.99
CA LEU A 62 20.02 1.47 10.90
C LEU A 62 20.03 0.13 10.20
N PRO A 63 20.53 -0.90 10.89
CA PRO A 63 20.24 -2.28 10.48
C PRO A 63 18.73 -2.47 10.45
N VAL A 64 18.25 -3.43 9.65
CA VAL A 64 16.82 -3.55 9.47
C VAL A 64 16.06 -3.92 10.76
N LYS A 65 16.71 -4.58 11.71
CA LYS A 65 16.01 -4.94 12.94
C LYS A 65 15.55 -3.68 13.65
N GLU A 66 16.48 -2.77 13.88
CA GLU A 66 16.15 -1.49 14.50
C GLU A 66 15.25 -0.64 13.59
N ALA A 67 15.49 -0.70 12.28
CA ALA A 67 14.64 0.06 11.35
C ALA A 67 13.18 -0.40 11.46
N ARG A 68 12.97 -1.71 11.48
CA ARG A 68 11.61 -2.24 11.59
C ARG A 68 10.98 -1.86 12.94
N GLU A 69 11.74 -1.97 14.01
CA GLU A 69 11.23 -1.59 15.33
C GLU A 69 10.94 -0.09 15.41
N MET A 70 11.80 0.73 14.83
CA MET A 70 11.59 2.16 14.84
C MET A 70 10.29 2.50 14.13
N TYR A 71 10.05 1.83 13.02
CA TYR A 71 8.84 2.05 12.25
C TYR A 71 7.59 1.57 13.00
N ARG A 72 7.70 0.43 13.66
CA ARG A 72 6.62 -0.09 14.50
C ARG A 72 6.22 0.93 15.57
N GLY A 73 7.22 1.52 16.22
CA GLY A 73 6.98 2.48 17.30
C GLY A 73 6.33 3.75 16.79
N ILE A 74 6.82 4.25 15.66
CA ILE A 74 6.19 5.37 14.95
C ILE A 74 4.71 5.10 14.68
N ALA A 75 4.44 3.95 14.07
CA ALA A 75 3.07 3.55 13.76
C ALA A 75 2.19 3.53 15.01
N ALA A 76 2.70 2.93 16.08
CA ALA A 76 1.97 2.77 17.34
C ALA A 76 1.52 4.11 17.93
N GLN A 77 2.29 5.16 17.67
CA GLN A 77 2.03 6.45 18.29
C GLN A 77 1.19 7.38 17.43
N LEU A 78 1.25 7.19 16.12
CA LEU A 78 0.65 8.16 15.21
C LEU A 78 -0.60 7.65 14.51
N ASP A 79 -0.89 6.36 14.61
CA ASP A 79 -2.10 5.83 14.02
C ASP A 79 -3.15 5.60 15.09
N LEU A 80 -4.39 5.38 14.66
CA LEU A 80 -5.50 5.14 15.57
C LEU A 80 -5.36 3.82 16.30
N GLN A 81 -5.53 3.84 17.60
CA GLN A 81 -5.46 2.60 18.37
C GLN A 81 -6.85 2.17 18.82
N ASP A 82 -6.98 0.88 19.13
CA ASP A 82 -8.21 0.33 19.71
C ASP A 82 -9.45 0.44 18.81
N LEU A 83 -9.26 0.49 17.50
CA LEU A 83 -10.43 0.41 16.61
C LEU A 83 -11.07 -0.96 16.76
N PRO A 84 -12.41 -1.02 16.74
CA PRO A 84 -13.06 -2.32 16.88
C PRO A 84 -13.02 -3.10 15.57
N ILE A 85 -13.21 -4.41 15.64
CA ILE A 85 -13.33 -5.25 14.45
C ILE A 85 -14.29 -6.39 14.77
N GLY A 86 -14.93 -6.94 13.75
CA GLY A 86 -15.89 -8.00 13.99
C GLY A 86 -15.17 -9.28 14.34
N LYS A 87 -14.09 -9.53 13.61
CA LYS A 87 -13.25 -10.68 13.84
C LYS A 87 -11.87 -10.44 13.22
N THR A 88 -10.84 -10.96 13.87
CA THR A 88 -9.50 -10.91 13.31
C THR A 88 -8.89 -12.29 13.50
N GLU A 89 -8.36 -12.85 12.41
CA GLU A 89 -7.87 -14.22 12.44
C GLU A 89 -6.51 -14.29 11.75
N ASP A 90 -5.52 -14.84 12.45
CA ASP A 90 -4.20 -15.04 11.85
C ASP A 90 -4.08 -16.47 11.34
N ARG A 91 -3.61 -16.65 10.11
CA ARG A 91 -3.35 -17.99 9.65
C ARG A 91 -2.25 -18.01 8.60
N LYS A 92 -1.81 -19.21 8.23
CA LYS A 92 -0.82 -19.37 7.17
C LYS A 92 -1.49 -19.93 5.92
N ILE A 93 -1.04 -19.51 4.76
CA ILE A 93 -1.49 -20.09 3.50
C ILE A 93 -0.29 -20.59 2.71
N PRO A 94 -0.50 -21.55 1.80
CA PRO A 94 0.66 -22.07 1.04
C PRO A 94 1.26 -21.01 0.12
N GLY A 95 2.58 -20.87 0.14
CA GLY A 95 3.23 -19.90 -0.71
C GLY A 95 4.25 -20.61 -1.57
N PRO A 96 4.79 -19.92 -2.58
CA PRO A 96 5.77 -20.54 -3.48
C PRO A 96 7.10 -20.84 -2.79
N ALA A 97 7.41 -20.15 -1.69
CA ALA A 97 8.68 -20.39 -1.00
C ALA A 97 8.49 -20.89 0.43
N GLY A 98 7.25 -21.12 0.83
CA GLY A 98 6.95 -21.55 2.18
C GLY A 98 5.66 -20.89 2.61
N ASP A 99 5.24 -21.11 3.85
CA ASP A 99 3.96 -20.55 4.29
C ASP A 99 3.98 -19.02 4.31
N ILE A 100 2.85 -18.43 3.95
CA ILE A 100 2.65 -16.98 3.98
C ILE A 100 1.66 -16.62 5.09
N PRO A 101 2.12 -15.85 6.09
CA PRO A 101 1.18 -15.41 7.14
C PRO A 101 0.20 -14.39 6.60
N VAL A 102 -1.08 -14.53 6.93
CA VAL A 102 -2.04 -13.51 6.54
C VAL A 102 -2.89 -13.19 7.78
N ARG A 103 -3.57 -12.06 7.73
CA ARG A 103 -4.53 -11.70 8.78
C ARG A 103 -5.84 -11.35 8.11
N ILE A 104 -6.90 -11.99 8.57
CA ILE A 104 -8.21 -11.86 7.95
C ILE A 104 -9.13 -11.08 8.89
N TYR A 105 -9.67 -9.97 8.38
CA TYR A 105 -10.51 -9.05 9.15
C TYR A 105 -11.94 -9.15 8.68
N THR A 106 -12.88 -9.20 9.62
CA THR A 106 -14.30 -9.19 9.31
C THR A 106 -14.90 -7.93 9.94
N PRO A 107 -15.68 -7.14 9.18
CA PRO A 107 -16.32 -5.93 9.70
C PRO A 107 -17.18 -6.19 10.94
N VAL A 108 -17.26 -5.19 11.84
CA VAL A 108 -18.21 -5.24 12.96
C VAL A 108 -19.63 -5.49 12.47
N ALA A 109 -20.30 -6.49 13.05
CA ALA A 109 -21.71 -6.77 12.79
C ALA A 109 -21.99 -7.20 11.35
N ALA A 110 -20.98 -7.74 10.67
CA ALA A 110 -21.21 -8.33 9.36
C ALA A 110 -22.27 -9.42 9.48
N GLY A 111 -23.13 -9.55 8.47
CA GLY A 111 -24.08 -10.64 8.42
C GLY A 111 -23.39 -11.91 7.96
N GLY A 112 -24.17 -12.94 7.69
CA GLY A 112 -23.58 -14.20 7.28
C GLY A 112 -23.29 -14.28 5.79
N ALA A 113 -23.76 -13.28 5.05
CA ALA A 113 -23.65 -13.27 3.60
C ALA A 113 -22.18 -13.17 3.18
N ALA A 114 -21.86 -13.72 2.01
CA ALA A 114 -20.51 -13.59 1.46
C ALA A 114 -20.18 -12.13 1.21
N LEU A 115 -18.99 -11.71 1.61
CA LEU A 115 -18.60 -10.31 1.52
C LEU A 115 -17.63 -10.08 0.38
N PRO A 116 -17.58 -8.85 -0.14
CA PRO A 116 -16.45 -8.45 -1.00
C PRO A 116 -15.17 -8.56 -0.18
N VAL A 117 -14.01 -8.66 -0.84
CA VAL A 117 -12.79 -8.85 -0.08
C VAL A 117 -11.70 -7.94 -0.65
N LEU A 118 -10.95 -7.33 0.26
CA LEU A 118 -9.81 -6.51 -0.09
C LEU A 118 -8.55 -7.25 0.33
N VAL A 119 -7.68 -7.55 -0.63
CA VAL A 119 -6.39 -8.13 -0.29
C VAL A 119 -5.39 -6.99 -0.17
N TYR A 120 -4.79 -6.84 1.01
CA TYR A 120 -4.03 -5.63 1.34
C TYR A 120 -2.53 -5.94 1.44
N PHE A 121 -1.72 -5.11 0.79
CA PHE A 121 -0.26 -5.23 0.86
C PHE A 121 0.34 -4.02 1.55
N HIS A 122 0.90 -4.19 2.74
CA HIS A 122 1.39 -3.05 3.50
C HIS A 122 2.59 -2.38 2.84
N GLY A 123 2.76 -1.10 3.13
CA GLY A 123 3.94 -0.37 2.69
C GLY A 123 5.13 -0.56 3.63
N GLY A 124 6.22 0.15 3.33
CA GLY A 124 7.47 -0.04 4.04
C GLY A 124 8.64 -0.34 3.12
N GLY A 125 8.56 0.10 1.88
CA GLY A 125 9.70 0.03 0.98
C GLY A 125 10.21 -1.37 0.74
N TRP A 126 9.31 -2.34 0.85
CA TRP A 126 9.62 -3.78 0.71
C TRP A 126 10.61 -4.30 1.76
N VAL A 127 10.87 -3.51 2.80
CA VAL A 127 11.87 -3.86 3.81
C VAL A 127 11.29 -3.85 5.23
N ILE A 128 10.41 -2.90 5.50
CA ILE A 128 9.84 -2.76 6.84
C ILE A 128 8.31 -2.85 6.78
N GLY A 129 7.66 -2.76 7.94
CA GLY A 129 6.22 -2.90 7.99
C GLY A 129 5.84 -4.35 8.19
N ASP A 130 4.64 -4.58 8.71
CA ASP A 130 4.18 -5.95 8.94
C ASP A 130 2.68 -5.94 9.21
N LEU A 131 2.15 -7.00 9.80
CA LEU A 131 0.72 -7.08 10.05
C LEU A 131 0.30 -6.07 11.12
N GLU A 132 1.20 -5.73 12.03
CA GLU A 132 0.83 -4.82 13.10
C GLU A 132 0.88 -3.35 12.68
N THR A 133 1.83 -2.99 11.82
CA THR A 133 2.00 -1.57 11.47
C THR A 133 0.80 -1.03 10.72
N HIS A 134 0.11 -1.92 10.01
CA HIS A 134 -1.00 -1.49 9.16
C HIS A 134 -2.35 -2.02 9.63
N ASP A 135 -2.39 -2.52 10.86
CA ASP A 135 -3.59 -3.16 11.38
C ASP A 135 -4.76 -2.20 11.48
N ALA A 136 -4.50 -0.98 11.97
CA ALA A 136 -5.55 0.02 12.15
C ALA A 136 -6.14 0.40 10.80
N LEU A 137 -5.28 0.47 9.77
CA LEU A 137 -5.73 0.82 8.43
C LEU A 137 -6.61 -0.30 7.87
N CYS A 138 -6.21 -1.54 8.13
CA CYS A 138 -6.99 -2.66 7.67
C CYS A 138 -8.35 -2.73 8.34
N ARG A 139 -8.38 -2.47 9.66
CA ARG A 139 -9.64 -2.42 10.36
C ARG A 139 -10.52 -1.30 9.79
N SER A 140 -9.90 -0.16 9.52
CA SER A 140 -10.62 0.97 8.94
C SER A 140 -11.27 0.61 7.61
N PHE A 141 -10.54 -0.07 6.73
CA PHE A 141 -11.11 -0.43 5.44
C PHE A 141 -12.21 -1.45 5.62
N ALA A 142 -11.99 -2.44 6.48
CA ALA A 142 -13.01 -3.48 6.70
C ALA A 142 -14.32 -2.85 7.16
N ASN A 143 -14.25 -2.04 8.22
CA ASN A 143 -15.47 -1.41 8.74
C ASN A 143 -16.11 -0.37 7.81
N GLU A 144 -15.31 0.51 7.21
CA GLU A 144 -15.86 1.57 6.39
C GLU A 144 -16.34 1.07 5.02
N ALA A 145 -15.64 0.11 4.43
CA ALA A 145 -16.04 -0.40 3.12
C ALA A 145 -16.99 -1.59 3.22
N GLY A 146 -17.07 -2.20 4.40
CA GLY A 146 -17.92 -3.37 4.61
C GLY A 146 -17.40 -4.63 3.92
N CYS A 147 -16.09 -4.75 3.83
CA CYS A 147 -15.52 -5.89 3.12
C CYS A 147 -14.63 -6.67 4.07
N LYS A 148 -14.44 -7.95 3.80
CA LYS A 148 -13.36 -8.66 4.47
C LYS A 148 -12.06 -8.06 3.99
N VAL A 149 -11.05 -8.07 4.85
CA VAL A 149 -9.70 -7.66 4.43
C VAL A 149 -8.75 -8.82 4.70
N VAL A 150 -7.91 -9.14 3.73
CA VAL A 150 -6.85 -10.12 3.94
C VAL A 150 -5.52 -9.40 3.81
N ALA A 151 -4.86 -9.15 4.93
CA ALA A 151 -3.57 -8.48 4.93
C ALA A 151 -2.47 -9.53 4.79
N VAL A 152 -1.51 -9.28 3.93
CA VAL A 152 -0.49 -10.28 3.61
C VAL A 152 0.85 -9.94 4.25
N ASP A 153 1.40 -10.87 5.03
CA ASP A 153 2.73 -10.69 5.59
C ASP A 153 3.76 -11.26 4.61
N TYR A 154 3.98 -10.54 3.51
CA TYR A 154 4.81 -11.03 2.42
C TYR A 154 6.29 -10.99 2.78
N ARG A 155 7.09 -11.79 2.08
CA ARG A 155 8.53 -11.87 2.33
C ARG A 155 9.17 -10.51 2.12
N LEU A 156 10.03 -10.10 3.05
CA LEU A 156 10.69 -8.80 2.98
C LEU A 156 12.15 -8.88 2.61
N ALA A 157 12.63 -7.82 1.98
CA ALA A 157 14.04 -7.64 1.70
C ALA A 157 14.72 -7.04 2.95
N PRO A 158 16.05 -7.17 3.07
CA PRO A 158 16.99 -7.84 2.17
C PRO A 158 17.05 -9.36 2.35
N GLU A 159 16.31 -9.91 3.30
CA GLU A 159 16.39 -11.36 3.51
C GLU A 159 15.85 -12.10 2.28
N HIS A 160 14.82 -11.51 1.67
CA HIS A 160 14.22 -12.05 0.45
C HIS A 160 14.13 -10.93 -0.58
N ARG A 161 15.00 -10.95 -1.58
CA ARG A 161 15.00 -9.84 -2.51
C ARG A 161 13.90 -9.99 -3.55
N PHE A 162 13.64 -8.92 -4.30
CA PHE A 162 12.80 -8.97 -5.49
C PHE A 162 13.09 -10.26 -6.29
N PRO A 163 12.05 -10.95 -6.77
CA PRO A 163 10.62 -10.64 -6.73
C PRO A 163 9.84 -11.33 -5.62
N ALA A 164 10.48 -11.68 -4.51
CA ALA A 164 9.81 -12.42 -3.44
C ALA A 164 8.49 -11.79 -2.99
N ALA A 165 8.49 -10.47 -2.78
CA ALA A 165 7.28 -9.82 -2.28
C ALA A 165 6.12 -9.99 -3.28
N ALA A 166 6.42 -9.79 -4.55
CA ALA A 166 5.40 -9.93 -5.58
C ALA A 166 4.89 -11.38 -5.68
N GLU A 167 5.80 -12.34 -5.56
CA GLU A 167 5.42 -13.76 -5.58
C GLU A 167 4.40 -14.05 -4.48
N ASP A 168 4.69 -13.57 -3.29
CA ASP A 168 3.79 -13.84 -2.14
C ASP A 168 2.46 -13.12 -2.28
N CYS A 169 2.50 -11.88 -2.76
CA CYS A 169 1.28 -11.11 -2.86
C CYS A 169 0.37 -11.69 -3.95
N LEU A 170 0.93 -12.11 -5.07
CA LEU A 170 0.13 -12.77 -6.11
C LEU A 170 -0.44 -14.08 -5.60
N ALA A 171 0.37 -14.84 -4.86
CA ALA A 171 -0.09 -16.14 -4.35
C ALA A 171 -1.29 -15.96 -3.40
N ALA A 172 -1.23 -14.90 -2.62
CA ALA A 172 -2.30 -14.62 -1.66
C ALA A 172 -3.60 -14.32 -2.39
N VAL A 173 -3.54 -13.51 -3.44
CA VAL A 173 -4.76 -13.20 -4.19
C VAL A 173 -5.32 -14.45 -4.84
N LYS A 174 -4.44 -15.27 -5.41
CA LYS A 174 -4.88 -16.56 -5.95
C LYS A 174 -5.54 -17.44 -4.91
N TRP A 175 -4.97 -17.45 -3.70
CA TRP A 175 -5.52 -18.28 -2.63
C TRP A 175 -6.91 -17.79 -2.21
N VAL A 176 -7.07 -16.48 -2.08
CA VAL A 176 -8.36 -15.91 -1.72
C VAL A 176 -9.42 -16.25 -2.76
N GLU A 177 -9.06 -16.18 -4.05
CA GLU A 177 -10.03 -16.51 -5.09
C GLU A 177 -10.44 -17.97 -5.01
N THR A 178 -9.44 -18.85 -4.89
CA THR A 178 -9.68 -20.28 -4.88
C THR A 178 -10.47 -20.73 -3.66
N ASN A 179 -10.19 -20.11 -2.52
CA ASN A 179 -10.76 -20.56 -1.27
C ASN A 179 -11.83 -19.61 -0.77
N ALA A 180 -12.44 -18.89 -1.72
CA ALA A 180 -13.39 -17.84 -1.40
C ALA A 180 -14.54 -18.37 -0.53
N SER A 181 -15.04 -19.54 -0.88
CA SER A 181 -16.14 -20.14 -0.11
C SER A 181 -15.74 -20.38 1.34
N GLU A 182 -14.54 -20.91 1.56
CA GLU A 182 -14.07 -21.21 2.91
C GLU A 182 -14.00 -19.97 3.81
N ILE A 183 -13.57 -18.84 3.27
CA ILE A 183 -13.42 -17.67 4.12
C ILE A 183 -14.58 -16.69 3.94
N GLY A 184 -15.63 -17.13 3.25
CA GLY A 184 -16.88 -16.40 3.22
C GLY A 184 -16.83 -15.11 2.42
N VAL A 185 -16.15 -15.15 1.27
CA VAL A 185 -16.07 -13.97 0.43
C VAL A 185 -16.58 -14.29 -0.98
N ASP A 186 -16.87 -13.23 -1.72
CA ASP A 186 -17.38 -13.34 -3.09
C ASP A 186 -16.22 -13.23 -4.06
N ALA A 187 -15.90 -14.33 -4.75
CA ALA A 187 -14.73 -14.36 -5.63
C ALA A 187 -14.86 -13.43 -6.85
N ASN A 188 -16.07 -12.92 -7.11
CA ASN A 188 -16.26 -11.94 -8.16
C ASN A 188 -16.04 -10.51 -7.69
N ARG A 189 -15.72 -10.35 -6.41
CA ARG A 189 -15.57 -9.03 -5.83
C ARG A 189 -14.28 -8.96 -5.03
N ILE A 190 -13.18 -9.28 -5.70
CA ILE A 190 -11.86 -9.21 -5.09
C ILE A 190 -11.17 -7.91 -5.49
N ALA A 191 -10.75 -7.13 -4.50
CA ALA A 191 -9.97 -5.94 -4.76
C ALA A 191 -8.56 -6.12 -4.19
N VAL A 192 -7.60 -5.39 -4.73
CA VAL A 192 -6.28 -5.33 -4.14
C VAL A 192 -5.99 -3.88 -3.76
N ALA A 193 -5.15 -3.70 -2.76
CA ALA A 193 -4.78 -2.35 -2.33
C ALA A 193 -3.43 -2.41 -1.67
N GLY A 194 -2.73 -1.29 -1.65
CA GLY A 194 -1.56 -1.17 -0.82
C GLY A 194 -1.08 0.24 -0.81
N ASP A 195 -0.26 0.57 0.17
CA ASP A 195 0.31 1.91 0.30
C ASP A 195 1.80 1.84 0.00
N SER A 196 2.32 2.81 -0.75
CA SER A 196 3.75 2.92 -1.00
C SER A 196 4.29 1.69 -1.75
N ALA A 197 5.27 0.99 -1.20
CA ALA A 197 5.72 -0.28 -1.79
C ALA A 197 4.56 -1.27 -1.91
N GLY A 198 3.59 -1.17 -1.02
CA GLY A 198 2.42 -2.02 -1.08
C GLY A 198 1.55 -1.65 -2.27
N GLY A 199 1.56 -0.37 -2.61
CA GLY A 199 0.80 0.08 -3.77
C GLY A 199 1.48 -0.36 -5.05
N ASN A 200 2.81 -0.35 -5.02
CA ASN A 200 3.61 -0.96 -6.06
C ASN A 200 3.18 -2.41 -6.28
N LEU A 201 3.07 -3.16 -5.18
CA LEU A 201 2.71 -4.57 -5.26
C LEU A 201 1.28 -4.76 -5.76
N ALA A 202 0.36 -3.90 -5.34
CA ALA A 202 -1.01 -4.02 -5.83
C ALA A 202 -1.07 -3.77 -7.34
N ALA A 203 -0.31 -2.79 -7.81
CA ALA A 203 -0.28 -2.49 -9.24
C ALA A 203 0.34 -3.64 -10.05
N VAL A 204 1.41 -4.20 -9.49
CA VAL A 204 2.14 -5.28 -10.17
C VAL A 204 1.33 -6.57 -10.17
N VAL A 205 0.75 -6.91 -9.04
CA VAL A 205 -0.12 -8.07 -8.96
C VAL A 205 -1.27 -7.96 -9.98
N SER A 206 -1.86 -6.77 -10.10
CA SER A 206 -2.91 -6.56 -11.11
C SER A 206 -2.40 -6.86 -12.52
N GLN A 207 -1.18 -6.41 -12.82
CA GLN A 207 -0.62 -6.66 -14.15
C GLN A 207 -0.36 -8.14 -14.38
N LEU A 208 0.20 -8.81 -13.38
CA LEU A 208 0.53 -10.23 -13.52
C LEU A 208 -0.74 -11.06 -13.66
N ALA A 209 -1.78 -10.68 -12.92
CA ALA A 209 -3.04 -11.39 -12.97
C ALA A 209 -3.69 -11.23 -14.34
N LEU A 210 -3.60 -10.03 -14.89
CA LEU A 210 -4.17 -9.78 -16.21
C LEU A 210 -3.48 -10.64 -17.24
N ALA A 211 -2.16 -10.73 -17.15
CA ALA A 211 -1.38 -11.49 -18.13
C ALA A 211 -1.68 -12.97 -18.01
N ALA A 212 -1.91 -13.44 -16.78
CA ALA A 212 -2.15 -14.86 -16.54
C ALA A 212 -3.64 -15.24 -16.66
N LYS A 213 -4.48 -14.25 -16.96
CA LYS A 213 -5.92 -14.45 -17.08
C LYS A 213 -6.54 -14.97 -15.77
N GLY A 214 -5.99 -14.51 -14.65
CA GLY A 214 -6.50 -14.88 -13.35
C GLY A 214 -5.39 -14.66 -12.34
N PRO A 215 -5.74 -14.41 -11.09
CA PRO A 215 -7.09 -14.31 -10.53
C PRO A 215 -7.82 -13.05 -10.96
N ARG A 216 -9.14 -13.09 -10.90
CA ARG A 216 -9.98 -11.97 -11.29
C ARG A 216 -9.93 -10.86 -10.24
N ILE A 217 -9.45 -9.70 -10.64
CA ILE A 217 -9.36 -8.55 -9.72
C ILE A 217 -10.25 -7.42 -10.22
N ALA A 218 -11.14 -6.94 -9.37
CA ALA A 218 -12.19 -6.00 -9.78
C ALA A 218 -11.84 -4.55 -9.48
N PHE A 219 -10.81 -4.34 -8.66
CA PHE A 219 -10.48 -2.98 -8.22
C PHE A 219 -9.06 -2.96 -7.71
N GLN A 220 -8.32 -1.88 -7.98
CA GLN A 220 -6.99 -1.73 -7.41
C GLN A 220 -6.93 -0.37 -6.76
N LEU A 221 -6.61 -0.36 -5.47
CA LEU A 221 -6.56 0.88 -4.70
C LEU A 221 -5.09 1.17 -4.41
N LEU A 222 -4.56 2.21 -5.04
CA LEU A 222 -3.13 2.47 -5.01
C LEU A 222 -2.87 3.72 -4.19
N ILE A 223 -2.33 3.53 -3.00
CA ILE A 223 -2.16 4.62 -2.05
C ILE A 223 -0.71 5.09 -2.08
N TYR A 224 -0.51 6.33 -2.53
CA TYR A 224 0.83 6.88 -2.86
C TYR A 224 1.84 5.79 -3.26
N PRO A 225 1.57 5.12 -4.38
CA PRO A 225 2.38 3.97 -4.77
C PRO A 225 3.75 4.33 -5.33
N VAL A 226 4.68 3.40 -5.19
CA VAL A 226 5.88 3.39 -6.02
C VAL A 226 5.50 2.80 -7.38
N THR A 227 5.75 3.51 -8.48
CA THR A 227 5.38 2.92 -9.76
C THR A 227 6.55 2.81 -10.73
N ASP A 228 7.70 3.34 -10.33
CA ASP A 228 8.87 3.36 -11.20
C ASP A 228 10.14 3.40 -10.33
N THR A 229 11.30 3.34 -10.97
CA THR A 229 12.55 3.30 -10.23
C THR A 229 13.47 4.49 -10.54
N ASN A 230 12.90 5.55 -11.11
CA ASN A 230 13.67 6.76 -11.39
C ASN A 230 13.58 7.71 -10.20
N VAL A 231 14.68 7.82 -9.45
CA VAL A 231 14.69 8.63 -8.25
C VAL A 231 15.02 10.10 -8.54
N ASP A 232 14.83 10.51 -9.79
CA ASP A 232 15.19 11.86 -10.21
C ASP A 232 14.06 12.57 -10.94
N THR A 233 12.82 12.22 -10.63
CA THR A 233 11.67 12.96 -11.14
C THR A 233 11.61 14.33 -10.45
N ALA A 234 10.78 15.23 -10.98
CA ALA A 234 10.67 16.56 -10.41
C ALA A 234 10.25 16.54 -8.93
N SER A 235 9.28 15.69 -8.60
CA SER A 235 8.83 15.60 -7.21
C SER A 235 9.89 14.96 -6.33
N TYR A 236 10.70 14.07 -6.89
CA TYR A 236 11.79 13.45 -6.14
C TYR A 236 12.81 14.49 -5.70
N ARG A 237 13.11 15.41 -6.59
CA ARG A 237 14.14 16.40 -6.33
C ARG A 237 13.59 17.56 -5.51
N GLU A 238 12.32 17.88 -5.72
CA GLU A 238 11.67 18.96 -4.99
C GLU A 238 11.34 18.56 -3.55
N ASN A 239 10.98 17.29 -3.37
CA ASN A 239 10.63 16.77 -2.06
C ASN A 239 11.68 15.81 -1.52
N ALA A 240 12.92 16.01 -1.95
CA ALA A 240 14.02 15.09 -1.65
C ALA A 240 14.26 14.83 -0.16
N SER A 241 14.14 15.87 0.66
CA SER A 241 14.36 15.69 2.09
C SER A 241 13.40 16.51 2.95
N GLY A 242 13.10 15.99 4.14
CA GLY A 242 12.35 16.73 5.12
C GLY A 242 10.90 16.34 5.26
N TYR A 243 10.42 15.47 4.38
CA TYR A 243 8.99 15.13 4.37
C TYR A 243 8.70 13.67 4.67
N PHE A 244 9.38 13.15 5.67
CA PHE A 244 9.16 11.80 6.21
C PHE A 244 9.75 10.73 5.27
N LEU A 245 9.19 10.56 4.08
CA LEU A 245 9.85 9.75 3.05
C LEU A 245 10.81 10.64 2.28
N GLU A 246 12.07 10.23 2.24
CA GLU A 246 13.09 11.04 1.56
C GLU A 246 13.65 10.28 0.38
N ARG A 247 14.27 11.02 -0.54
CA ARG A 247 14.90 10.42 -1.70
C ARG A 247 15.93 9.37 -1.28
N ASP A 248 16.73 9.71 -0.28
CA ASP A 248 17.73 8.81 0.26
C ASP A 248 17.09 7.56 0.87
N GLY A 249 15.88 7.72 1.38
CA GLY A 249 15.13 6.58 1.88
C GLY A 249 14.77 5.62 0.76
N MET A 250 14.26 6.17 -0.36
CA MET A 250 13.91 5.31 -1.48
C MET A 250 15.16 4.61 -2.06
N ILE A 251 16.28 5.31 -2.09
CA ILE A 251 17.52 4.71 -2.57
C ILE A 251 17.89 3.51 -1.69
N TRP A 252 17.75 3.69 -0.38
CA TRP A 252 18.02 2.65 0.61
C TRP A 252 17.11 1.44 0.43
N PHE A 253 15.80 1.70 0.26
CA PHE A 253 14.82 0.65 0.02
C PHE A 253 15.14 -0.10 -1.27
N PHE A 254 15.37 0.64 -2.35
CA PHE A 254 15.68 0.00 -3.64
C PHE A 254 16.92 -0.89 -3.55
N ASP A 255 17.93 -0.45 -2.82
CA ASP A 255 19.17 -1.22 -2.70
C ASP A 255 18.95 -2.54 -1.97
N HIS A 256 18.13 -2.54 -0.93
CA HIS A 256 17.80 -3.79 -0.23
C HIS A 256 16.97 -4.71 -1.11
N TYR A 257 16.01 -4.12 -1.83
CA TYR A 257 15.03 -4.91 -2.58
C TYR A 257 15.56 -5.43 -3.90
N LEU A 258 16.21 -4.56 -4.66
CA LEU A 258 16.64 -4.90 -6.00
C LEU A 258 18.11 -5.28 -5.98
N ASN A 259 18.42 -6.48 -6.44
CA ASN A 259 19.77 -7.04 -6.29
C ASN A 259 20.55 -6.85 -7.56
N GLY A 260 20.64 -5.60 -8.02
CA GLY A 260 21.10 -5.36 -9.37
C GLY A 260 20.10 -5.97 -10.33
N ALA A 261 18.90 -6.27 -9.82
CA ALA A 261 17.81 -6.76 -10.64
C ALA A 261 17.51 -5.70 -11.67
N ASP A 262 16.88 -6.10 -12.76
CA ASP A 262 16.59 -5.14 -13.80
C ASP A 262 15.61 -4.13 -13.23
N ARG A 263 16.08 -2.91 -13.02
CA ARG A 263 15.26 -1.91 -12.38
C ARG A 263 14.23 -1.39 -13.36
N THR A 264 14.31 -1.87 -14.60
CA THR A 264 13.31 -1.56 -15.59
C THR A 264 12.29 -2.70 -15.70
N ASP A 265 12.47 -3.75 -14.91
CA ASP A 265 11.52 -4.86 -14.86
C ASP A 265 10.15 -4.32 -14.43
N PRO A 266 9.12 -4.54 -15.25
CA PRO A 266 7.77 -4.05 -14.92
C PRO A 266 7.21 -4.63 -13.62
N ARG A 267 7.82 -5.69 -13.10
CA ARG A 267 7.36 -6.24 -11.82
C ARG A 267 7.86 -5.42 -10.65
N VAL A 268 8.75 -4.45 -10.89
CA VAL A 268 9.06 -3.47 -9.84
C VAL A 268 8.75 -2.06 -10.36
N ALA A 269 8.72 -1.91 -11.68
CA ALA A 269 8.39 -0.62 -12.29
C ALA A 269 7.19 -0.74 -13.22
N PRO A 270 5.98 -0.86 -12.66
CA PRO A 270 4.77 -1.10 -13.45
C PRO A 270 4.43 0.02 -14.40
N LEU A 271 4.96 1.21 -14.15
CA LEU A 271 4.79 2.32 -15.07
C LEU A 271 5.42 2.00 -16.43
N ARG A 272 6.42 1.13 -16.43
CA ARG A 272 7.13 0.78 -17.66
C ARG A 272 6.50 -0.37 -18.44
N ALA A 273 5.30 -0.80 -18.03
CA ALA A 273 4.62 -1.89 -18.74
C ALA A 273 4.34 -1.53 -20.20
N ALA A 274 4.39 -2.54 -21.05
CA ALA A 274 4.14 -2.35 -22.49
C ALA A 274 2.72 -1.82 -22.73
N SER A 275 1.77 -2.33 -21.95
CA SER A 275 0.38 -1.90 -22.09
C SER A 275 -0.36 -2.00 -20.78
N LEU A 276 -1.16 -0.99 -20.47
CA LEU A 276 -1.98 -1.00 -19.27
C LEU A 276 -3.44 -1.32 -19.59
N ALA A 277 -3.72 -1.61 -20.86
CA ALA A 277 -5.09 -1.90 -21.27
C ALA A 277 -5.63 -3.13 -20.53
N GLY A 278 -6.89 -3.04 -20.12
CA GLY A 278 -7.55 -4.17 -19.50
C GLY A 278 -7.33 -4.35 -18.01
N LEU A 279 -6.56 -3.45 -17.39
CA LEU A 279 -6.29 -3.56 -15.95
C LEU A 279 -7.52 -3.17 -15.12
N PRO A 280 -7.57 -3.57 -13.83
CA PRO A 280 -8.71 -3.25 -12.97
C PRO A 280 -8.94 -1.76 -12.81
N ARG A 281 -10.20 -1.34 -12.69
CA ARG A 281 -10.53 0.05 -12.36
C ARG A 281 -9.74 0.45 -11.13
N ALA A 282 -9.31 1.71 -11.11
CA ALA A 282 -8.33 2.13 -10.12
C ALA A 282 -8.78 3.34 -9.31
N TYR A 283 -8.27 3.42 -8.11
CA TYR A 283 -8.39 4.62 -7.28
C TYR A 283 -6.96 4.92 -6.84
N VAL A 284 -6.44 6.07 -7.24
CA VAL A 284 -5.03 6.39 -7.02
C VAL A 284 -4.89 7.67 -6.19
N ILE A 285 -4.17 7.57 -5.09
CA ILE A 285 -3.92 8.69 -4.18
C ILE A 285 -2.47 9.14 -4.25
N THR A 286 -2.22 10.44 -4.32
CA THR A 286 -0.86 10.95 -4.14
C THR A 286 -0.84 12.04 -3.08
N ALA A 287 0.33 12.28 -2.51
CA ALA A 287 0.50 13.35 -1.52
C ALA A 287 1.35 14.46 -2.12
N GLY A 288 1.00 15.71 -1.81
CA GLY A 288 1.67 16.85 -2.40
C GLY A 288 3.16 16.93 -2.13
N PHE A 289 3.58 16.56 -0.92
CA PHE A 289 4.99 16.69 -0.55
C PHE A 289 5.71 15.34 -0.55
N ASP A 290 5.27 14.48 -1.46
CA ASP A 290 5.79 13.13 -1.59
C ASP A 290 6.69 13.06 -2.82
N PRO A 291 7.93 12.57 -2.65
CA PRO A 291 8.80 12.39 -3.82
C PRO A 291 8.16 11.46 -4.85
N LEU A 292 7.24 10.60 -4.42
CA LEU A 292 6.57 9.68 -5.33
C LEU A 292 5.35 10.29 -6.04
N LYS A 293 5.08 11.57 -5.83
CA LYS A 293 3.89 12.18 -6.43
C LYS A 293 3.84 12.02 -7.94
N ASP A 294 4.94 12.36 -8.60
CA ASP A 294 4.95 12.46 -10.05
C ASP A 294 4.69 11.13 -10.74
N GLU A 295 5.29 10.06 -10.22
CA GLU A 295 5.14 8.75 -10.83
C GLU A 295 3.77 8.14 -10.50
N GLY A 296 3.22 8.53 -9.35
CA GLY A 296 1.90 8.09 -8.96
C GLY A 296 0.88 8.73 -9.88
N ARG A 297 0.98 10.04 -10.06
CA ARG A 297 0.11 10.75 -10.99
C ARG A 297 0.28 10.21 -12.42
N ALA A 298 1.53 9.94 -12.79
CA ALA A 298 1.83 9.45 -14.13
C ALA A 298 1.12 8.12 -14.40
N TYR A 299 1.09 7.25 -13.39
CA TYR A 299 0.46 5.94 -13.53
C TYR A 299 -1.04 6.11 -13.69
N ALA A 300 -1.62 7.00 -12.89
CA ALA A 300 -3.04 7.31 -13.00
C ALA A 300 -3.37 7.83 -14.41
N GLU A 301 -2.50 8.67 -14.95
CA GLU A 301 -2.72 9.23 -16.28
C GLU A 301 -2.64 8.15 -17.34
N ALA A 302 -1.65 7.24 -17.18
CA ALA A 302 -1.42 6.20 -18.15
C ALA A 302 -2.53 5.15 -18.11
N LEU A 303 -3.09 4.91 -16.92
CA LEU A 303 -4.25 4.04 -16.80
C LEU A 303 -5.44 4.64 -17.55
N LYS A 304 -5.71 5.92 -17.33
CA LYS A 304 -6.79 6.60 -18.03
C LYS A 304 -6.59 6.54 -19.54
N ALA A 305 -5.37 6.82 -20.00
CA ALA A 305 -5.08 6.84 -21.43
C ALA A 305 -5.26 5.46 -22.06
N ALA A 306 -5.10 4.41 -21.25
CA ALA A 306 -5.30 3.05 -21.72
C ALA A 306 -6.74 2.59 -21.55
N GLY A 307 -7.62 3.53 -21.19
CA GLY A 307 -9.03 3.26 -21.10
C GLY A 307 -9.48 2.60 -19.81
N VAL A 308 -8.60 2.59 -18.82
CA VAL A 308 -8.96 2.02 -17.53
C VAL A 308 -9.68 3.06 -16.69
N PRO A 309 -10.88 2.73 -16.17
CA PRO A 309 -11.62 3.67 -15.32
C PRO A 309 -10.79 4.03 -14.09
N THR A 310 -10.46 5.31 -13.92
CA THR A 310 -9.51 5.70 -12.87
C THR A 310 -9.95 6.94 -12.12
N GLU A 311 -10.03 6.84 -10.79
CA GLU A 311 -10.32 8.00 -9.94
C GLU A 311 -9.02 8.45 -9.30
N TYR A 312 -8.58 9.66 -9.59
CA TYR A 312 -7.31 10.15 -9.06
C TYR A 312 -7.53 11.29 -8.08
N VAL A 313 -6.96 11.18 -6.88
CA VAL A 313 -7.05 12.27 -5.92
C VAL A 313 -5.67 12.60 -5.35
N ASN A 314 -5.33 13.89 -5.36
CA ASN A 314 -4.08 14.35 -4.77
C ASN A 314 -4.36 15.21 -3.54
N TYR A 315 -3.69 14.90 -2.43
CA TYR A 315 -3.80 15.68 -1.22
C TYR A 315 -2.62 16.64 -1.11
N GLU A 316 -2.85 17.89 -1.51
CA GLU A 316 -1.79 18.85 -1.73
C GLU A 316 -0.99 19.18 -0.47
N GLY A 317 -1.61 19.05 0.69
CA GLY A 317 -0.96 19.43 1.93
C GLY A 317 -0.35 18.26 2.68
N MET A 318 -0.47 17.07 2.10
CA MET A 318 -0.06 15.86 2.80
C MET A 318 1.35 15.41 2.50
N ILE A 319 1.85 14.48 3.32
CA ILE A 319 3.14 13.85 3.12
C ILE A 319 2.92 12.38 2.86
N HIS A 320 3.94 11.72 2.32
CA HIS A 320 3.92 10.27 2.17
C HIS A 320 3.61 9.59 3.48
N GLY A 321 2.85 8.49 3.44
CA GLY A 321 2.59 7.71 4.63
C GLY A 321 1.38 8.16 5.45
N PHE A 322 0.65 9.16 4.99
CA PHE A 322 -0.37 9.75 5.86
C PHE A 322 -1.60 8.88 6.09
N PHE A 323 -1.80 7.81 5.30
CA PHE A 323 -2.92 6.91 5.58
C PHE A 323 -2.74 6.16 6.88
N ASN A 324 -1.50 6.12 7.38
CA ASN A 324 -1.23 5.48 8.66
C ASN A 324 -0.99 6.48 9.77
N LEU A 325 -1.41 7.71 9.54
CA LEU A 325 -1.27 8.77 10.54
C LEU A 325 -2.63 9.31 10.98
N GLN A 326 -3.62 8.42 11.10
CA GLN A 326 -4.99 8.83 11.41
C GLN A 326 -5.15 9.44 12.78
N ALA A 327 -4.24 9.13 13.70
CA ALA A 327 -4.32 9.77 15.02
C ALA A 327 -3.77 11.20 14.97
N ALA A 328 -2.90 11.48 14.00
CA ALA A 328 -2.22 12.77 13.95
C ALA A 328 -2.86 13.80 13.01
N PHE A 329 -3.41 13.32 11.90
CA PHE A 329 -3.92 14.19 10.83
C PHE A 329 -5.42 14.05 10.65
N ASP A 330 -6.16 15.17 10.71
CA ASP A 330 -7.57 15.15 10.38
C ASP A 330 -7.81 14.66 8.96
N VAL A 331 -7.00 15.16 8.02
CA VAL A 331 -7.14 14.80 6.61
C VAL A 331 -6.99 13.28 6.39
N SER A 332 -6.15 12.63 7.20
CA SER A 332 -5.96 11.19 7.06
C SER A 332 -7.24 10.39 7.25
N ARG A 333 -8.00 10.75 8.29
CA ARG A 333 -9.29 10.09 8.53
C ARG A 333 -10.26 10.32 7.37
N ASP A 334 -10.34 11.55 6.89
CA ASP A 334 -11.18 11.87 5.73
C ASP A 334 -10.78 11.08 4.49
N ALA A 335 -9.48 11.02 4.21
CA ALA A 335 -8.98 10.33 3.01
C ALA A 335 -9.20 8.82 3.07
N VAL A 336 -9.00 8.22 4.23
CA VAL A 336 -9.23 6.79 4.40
C VAL A 336 -10.72 6.49 4.19
N LYS A 337 -11.59 7.32 4.75
CA LYS A 337 -13.01 7.12 4.55
C LYS A 337 -13.38 7.24 3.08
N ALA A 338 -12.77 8.20 2.39
CA ALA A 338 -13.12 8.45 0.99
C ALA A 338 -12.69 7.28 0.11
N ALA A 339 -11.49 6.78 0.38
CA ALA A 339 -10.99 5.62 -0.36
C ALA A 339 -11.88 4.40 -0.09
N ALA A 340 -12.28 4.22 1.16
CA ALA A 340 -13.12 3.08 1.55
C ALA A 340 -14.47 3.16 0.87
N LYS A 341 -15.02 4.36 0.76
CA LYS A 341 -16.34 4.49 0.16
C LYS A 341 -16.27 4.22 -1.34
N ALA A 342 -15.19 4.65 -1.98
CA ALA A 342 -14.97 4.35 -3.40
C ALA A 342 -14.88 2.84 -3.62
N LEU A 343 -14.18 2.17 -2.73
CA LEU A 343 -14.01 0.73 -2.79
C LEU A 343 -15.37 0.04 -2.67
N LYS A 344 -16.13 0.45 -1.66
CA LYS A 344 -17.45 -0.10 -1.40
C LYS A 344 -18.36 0.07 -2.61
N GLU A 345 -18.32 1.25 -3.19
CA GLU A 345 -19.23 1.57 -4.30
C GLU A 345 -18.82 0.79 -5.55
N ALA A 346 -17.53 0.65 -5.77
CA ALA A 346 -17.03 -0.10 -6.92
C ALA A 346 -17.42 -1.58 -6.89
N LEU A 347 -17.46 -2.17 -5.69
CA LEU A 347 -17.75 -3.59 -5.58
C LEU A 347 -19.24 -3.87 -5.34
N ALA A 348 -20.08 -2.84 -5.33
CA ALA A 348 -21.51 -3.02 -5.07
C ALA A 348 -22.18 -4.00 -6.02
#